data_5EV3
#
_entry.id   5EV3
#
_cell.length_a   43.351
_cell.length_b   62.196
_cell.length_c   77.425
_cell.angle_alpha   90.00
_cell.angle_beta   90.00
_cell.angle_gamma   90.00
#
_symmetry.space_group_name_H-M   'P 21 21 21'
#
loop_
_entity.id
_entity.type
_entity.pdbx_description
1 polymer 'Splicing factor U2AF 65 kDa subunit'
2 polymer "DNA/RNA (5'-R(P*UP*U)-D(P*U)-R(P*UP*U)-D(P*(BRU)P*UP*U)-3')"
3 water water
#
loop_
_entity_poly.entity_id
_entity_poly.type
_entity_poly.pdbx_seq_one_letter_code
_entity_poly.pdbx_strand_id
1 'polypeptide(L)'
;GSQMTRQARRLYVGNIPFGITEEAMMDFFNAQMRLGGLTQAPGNPVLAVQINQDKNFAFLEFRSVDETTQAMAFDGIIFQ
GQSLKIRRPHDYQPLPGMSENPSVYVPGVVSTVVPDSAHKLFIGGLPNYLNDDQVKELLTSFGPLKAFNLVKDSATGLSK
GYAFCEYVDINVTDQAIAGLNGMQLGDKKLLVQRASVGAKN
;
A
2 'polydeoxyribonucleotide/polyribonucleotide hybrid' UU(DU)UU(BRU)(DU)(DU) B
#
# COMPACT_ATOMS: atom_id res chain seq x y z
N THR A 5 -11.28 -21.93 -9.53
CA THR A 5 -10.10 -21.14 -9.15
C THR A 5 -10.31 -19.65 -9.38
N ARG A 6 -11.54 -19.23 -9.68
CA ARG A 6 -11.72 -17.81 -10.00
C ARG A 6 -11.33 -16.92 -8.83
N GLN A 7 -11.72 -17.29 -7.61
CA GLN A 7 -11.34 -16.45 -6.49
C GLN A 7 -9.85 -16.55 -6.19
N ALA A 8 -9.19 -17.61 -6.67
CA ALA A 8 -7.73 -17.71 -6.58
C ALA A 8 -7.03 -16.99 -7.73
N ARG A 9 -7.79 -16.34 -8.60
CA ARG A 9 -7.23 -15.55 -9.70
C ARG A 9 -7.68 -14.10 -9.63
N ARG A 10 -8.14 -13.65 -8.47
CA ARG A 10 -8.60 -12.28 -8.31
C ARG A 10 -7.93 -11.62 -7.13
N LEU A 11 -7.77 -10.32 -7.21
CA LEU A 11 -7.24 -9.53 -6.10
C LEU A 11 -8.03 -8.24 -5.94
N TYR A 12 -8.29 -7.89 -4.69
CA TYR A 12 -8.79 -6.57 -4.34
C TYR A 12 -7.69 -5.53 -4.39
N VAL A 13 -7.99 -4.37 -4.96
CA VAL A 13 -7.10 -3.21 -4.98
C VAL A 13 -7.88 -2.01 -4.46
N GLY A 14 -7.48 -1.50 -3.31
CA GLY A 14 -8.12 -0.35 -2.72
C GLY A 14 -7.29 0.91 -2.84
N ASN A 15 -7.91 2.04 -2.50
CA ASN A 15 -7.27 3.35 -2.52
C ASN A 15 -6.83 3.73 -3.94
N ILE A 16 -7.63 3.38 -4.94
CA ILE A 16 -7.25 3.64 -6.33
C ILE A 16 -7.40 5.12 -6.63
N PRO A 17 -6.62 5.65 -7.58
CA PRO A 17 -6.76 7.08 -7.95
C PRO A 17 -8.15 7.38 -8.48
N PHE A 18 -8.67 8.54 -8.09
CA PHE A 18 -9.96 8.95 -8.62
C PHE A 18 -9.90 9.11 -10.13
N GLY A 19 -10.93 8.63 -10.81
CA GLY A 19 -11.05 8.78 -12.24
C GLY A 19 -10.34 7.72 -13.05
N ILE A 20 -9.62 6.80 -12.42
CA ILE A 20 -8.81 5.85 -13.17
C ILE A 20 -9.70 4.96 -14.02
N THR A 21 -9.27 4.68 -15.25
CA THR A 21 -10.02 3.74 -16.07
C THR A 21 -9.52 2.32 -15.83
N GLU A 22 -10.38 1.38 -16.18
CA GLU A 22 -10.02 -0.02 -16.08
C GLU A 22 -8.83 -0.34 -16.97
N GLU A 23 -8.76 0.30 -18.13
CA GLU A 23 -7.65 0.06 -19.06
C GLU A 23 -6.33 0.58 -18.51
N ALA A 24 -6.35 1.79 -17.94
CA ALA A 24 -5.13 2.34 -17.34
C ALA A 24 -4.64 1.46 -16.19
N MET A 25 -5.55 0.99 -15.36
CA MET A 25 -5.16 0.08 -14.29
CA MET A 25 -5.15 0.08 -14.29
C MET A 25 -4.54 -1.19 -14.83
N MET A 26 -5.17 -1.80 -15.83
CA MET A 26 -4.62 -3.03 -16.41
C MET A 26 -3.23 -2.79 -16.99
N ASP A 27 -3.05 -1.71 -17.76
CA ASP A 27 -1.74 -1.42 -18.33
C ASP A 27 -0.69 -1.26 -17.22
N PHE A 28 -1.05 -0.58 -16.13
CA PHE A 28 -0.11 -0.36 -15.04
C PHE A 28 0.34 -1.70 -14.46
N PHE A 29 -0.62 -2.57 -14.12
CA PHE A 29 -0.28 -3.83 -13.48
C PHE A 29 0.42 -4.77 -14.44
N ASN A 30 0.00 -4.83 -15.71
CA ASN A 30 0.72 -5.69 -16.65
C ASN A 30 2.16 -5.22 -16.81
N ALA A 31 2.39 -3.90 -16.89
CA ALA A 31 3.75 -3.40 -17.02
C ALA A 31 4.58 -3.67 -15.77
N GLN A 32 4.02 -3.38 -14.59
CA GLN A 32 4.75 -3.63 -13.35
C GLN A 32 5.08 -5.10 -13.18
N MET A 33 4.16 -6.00 -13.51
CA MET A 33 4.46 -7.42 -13.41
C MET A 33 5.64 -7.79 -14.27
N ARG A 34 5.69 -7.24 -15.49
CA ARG A 34 6.80 -7.53 -16.41
C ARG A 34 8.09 -6.88 -15.94
N LEU A 35 8.02 -5.60 -15.56
CA LEU A 35 9.22 -4.90 -15.12
C LEU A 35 9.82 -5.53 -13.87
N GLY A 36 8.99 -6.10 -12.99
CA GLY A 36 9.50 -6.71 -11.77
C GLY A 36 9.99 -8.11 -11.93
N GLY A 37 9.84 -8.70 -13.10
CA GLY A 37 10.22 -10.09 -13.30
C GLY A 37 9.24 -11.07 -12.69
N LEU A 38 7.98 -10.68 -12.53
CA LEU A 38 6.98 -11.57 -11.96
C LEU A 38 6.16 -12.30 -13.00
N THR A 39 6.10 -11.81 -14.23
CA THR A 39 5.26 -12.44 -15.24
C THR A 39 5.88 -13.76 -15.70
N GLN A 40 5.03 -14.79 -15.79
CA GLN A 40 5.48 -16.16 -15.97
C GLN A 40 5.25 -16.70 -17.38
N ALA A 41 5.01 -15.81 -18.35
CA ALA A 41 4.85 -16.21 -19.74
C ALA A 41 4.73 -14.98 -20.64
N PRO A 42 4.89 -15.11 -21.95
CA PRO A 42 4.55 -14.00 -22.83
C PRO A 42 3.08 -13.64 -22.68
N GLY A 43 2.75 -12.41 -23.03
CA GLY A 43 1.38 -11.95 -22.91
C GLY A 43 1.07 -11.45 -21.52
N ASN A 44 -0.14 -10.89 -21.40
CA ASN A 44 -0.56 -10.15 -20.21
C ASN A 44 -1.01 -11.09 -19.09
N PRO A 45 -0.48 -10.93 -17.87
CA PRO A 45 -1.03 -11.70 -16.74
C PRO A 45 -2.38 -11.22 -16.27
N VAL A 46 -2.69 -9.94 -16.39
CA VAL A 46 -3.96 -9.39 -15.97
C VAL A 46 -4.91 -9.43 -17.16
N LEU A 47 -6.00 -10.16 -17.01
CA LEU A 47 -7.01 -10.26 -18.06
C LEU A 47 -8.06 -9.18 -17.99
N ALA A 48 -8.41 -8.73 -16.79
CA ALA A 48 -9.50 -7.78 -16.64
C ALA A 48 -9.35 -7.01 -15.33
N VAL A 49 -9.96 -5.83 -15.31
CA VAL A 49 -10.08 -5.01 -14.12
C VAL A 49 -11.50 -4.52 -14.04
N GLN A 50 -12.11 -4.65 -12.87
CA GLN A 50 -13.47 -4.16 -12.60
C GLN A 50 -13.40 -3.11 -11.51
N ILE A 51 -13.75 -1.89 -11.85
CA ILE A 51 -13.67 -0.78 -10.92
C ILE A 51 -15.06 -0.41 -10.42
N ASN A 52 -15.17 -0.22 -9.10
CA ASN A 52 -16.31 0.45 -8.50
C ASN A 52 -15.85 1.87 -8.20
N GLN A 53 -16.17 2.81 -9.09
CA GLN A 53 -15.66 4.17 -8.94
C GLN A 53 -16.23 4.83 -7.69
N ASP A 54 -17.49 4.56 -7.37
CA ASP A 54 -18.15 5.20 -6.25
C ASP A 54 -17.49 4.83 -4.93
N LYS A 55 -17.21 3.54 -4.74
CA LYS A 55 -16.62 3.06 -3.49
C LYS A 55 -15.10 3.02 -3.51
N ASN A 56 -14.45 3.30 -4.65
CA ASN A 56 -13.02 3.56 -4.69
C ASN A 56 -12.17 2.28 -4.61
N PHE A 57 -12.65 1.19 -5.20
CA PHE A 57 -11.85 -0.03 -5.25
C PHE A 57 -11.97 -0.73 -6.60
N ALA A 58 -11.03 -1.63 -6.85
CA ALA A 58 -11.02 -2.45 -8.05
C ALA A 58 -10.76 -3.90 -7.67
N PHE A 59 -11.14 -4.79 -8.57
CA PHE A 59 -10.68 -6.16 -8.56
C PHE A 59 -9.95 -6.46 -9.85
N LEU A 60 -8.77 -7.03 -9.73
CA LEU A 60 -8.02 -7.54 -10.87
C LEU A 60 -8.31 -9.02 -11.03
N GLU A 61 -8.39 -9.48 -12.27
CA GLU A 61 -8.51 -10.90 -12.57
C GLU A 61 -7.33 -11.30 -13.43
N PHE A 62 -6.65 -12.36 -13.02
CA PHE A 62 -5.42 -12.80 -13.64
C PHE A 62 -5.64 -14.08 -14.42
N ARG A 63 -4.73 -14.38 -15.34
CA ARG A 63 -4.86 -15.59 -16.13
C ARG A 63 -4.44 -16.83 -15.38
N SER A 64 -3.70 -16.71 -14.27
CA SER A 64 -3.19 -17.89 -13.59
C SER A 64 -3.16 -17.66 -12.08
N VAL A 65 -3.24 -18.77 -11.35
CA VAL A 65 -3.19 -18.73 -9.89
C VAL A 65 -1.86 -18.20 -9.40
N ASP A 66 -0.76 -18.67 -10.01
CA ASP A 66 0.56 -18.30 -9.51
C ASP A 66 0.84 -16.82 -9.74
N GLU A 67 0.42 -16.27 -10.88
CA GLU A 67 0.68 -14.85 -11.14
C GLU A 67 -0.14 -13.98 -10.20
N THR A 68 -1.33 -14.44 -9.83
CA THR A 68 -2.14 -13.75 -8.82
C THR A 68 -1.40 -13.68 -7.49
N THR A 69 -0.88 -14.83 -7.03
CA THR A 69 -0.10 -14.85 -5.80
C THR A 69 1.10 -13.93 -5.89
N GLN A 70 1.83 -13.94 -7.01
CA GLN A 70 2.99 -13.07 -7.13
C GLN A 70 2.59 -11.60 -7.00
N ALA A 71 1.45 -11.23 -7.56
CA ALA A 71 1.01 -9.84 -7.56
C ALA A 71 0.69 -9.31 -6.16
N MET A 72 0.48 -10.19 -5.16
CA MET A 72 0.38 -9.70 -3.79
C MET A 72 1.61 -8.92 -3.36
N ALA A 73 2.77 -9.17 -3.99
CA ALA A 73 3.98 -8.44 -3.65
C ALA A 73 3.91 -6.97 -4.02
N PHE A 74 2.94 -6.55 -4.84
CA PHE A 74 2.79 -5.15 -5.16
C PHE A 74 2.02 -4.35 -4.13
N ASP A 75 1.56 -4.96 -3.03
CA ASP A 75 0.85 -4.19 -2.04
C ASP A 75 1.66 -2.98 -1.61
N GLY A 76 1.04 -1.80 -1.70
CA GLY A 76 1.66 -0.54 -1.33
C GLY A 76 2.30 0.21 -2.48
N ILE A 77 2.33 -0.38 -3.67
CA ILE A 77 2.91 0.33 -4.81
C ILE A 77 2.20 1.67 -5.01
N ILE A 78 2.98 2.71 -5.31
CA ILE A 78 2.42 4.04 -5.55
C ILE A 78 1.95 4.13 -6.99
N PHE A 79 0.69 4.56 -7.17
CA PHE A 79 0.08 4.76 -8.49
C PHE A 79 -0.62 6.11 -8.42
N GLN A 80 -0.13 7.05 -9.22
CA GLN A 80 -0.65 8.42 -9.23
C GLN A 80 -0.71 9.00 -7.83
N GLY A 81 0.36 8.79 -7.07
CA GLY A 81 0.51 9.35 -5.75
C GLY A 81 -0.07 8.53 -4.62
N GLN A 82 -0.77 7.44 -4.93
CA GLN A 82 -1.55 6.70 -3.93
C GLN A 82 -0.98 5.31 -3.69
N SER A 83 -1.00 4.90 -2.42
CA SER A 83 -0.59 3.55 -2.02
C SER A 83 -1.71 2.57 -2.35
N LEU A 84 -1.48 1.69 -3.33
CA LEU A 84 -2.53 0.74 -3.67
C LEU A 84 -2.56 -0.34 -2.60
N LYS A 85 -3.75 -0.62 -2.07
CA LYS A 85 -3.92 -1.63 -1.04
C LYS A 85 -4.31 -2.93 -1.72
N ILE A 86 -3.40 -3.86 -1.80
CA ILE A 86 -3.66 -5.12 -2.48
C ILE A 86 -3.93 -6.19 -1.45
N ARG A 87 -5.04 -6.90 -1.60
CA ARG A 87 -5.49 -7.90 -0.66
C ARG A 87 -6.15 -9.04 -1.40
N ARG A 88 -6.21 -10.19 -0.74
CA ARG A 88 -6.99 -11.30 -1.27
C ARG A 88 -8.48 -10.97 -1.21
N PRO A 89 -9.27 -11.51 -2.14
CA PRO A 89 -10.73 -11.50 -1.94
C PRO A 89 -11.07 -12.15 -0.62
N HIS A 90 -12.11 -11.63 0.04
CA HIS A 90 -12.47 -12.18 1.35
C HIS A 90 -12.88 -13.66 1.27
N ASP A 91 -13.44 -14.11 0.15
CA ASP A 91 -13.83 -15.51 0.01
C ASP A 91 -12.72 -16.40 -0.54
N TYR A 92 -11.52 -15.89 -0.70
CA TYR A 92 -10.43 -16.72 -1.21
C TYR A 92 -10.02 -17.75 -0.17
N GLN A 93 -9.96 -19.00 -0.61
CA GLN A 93 -9.41 -20.10 0.17
C GLN A 93 -8.19 -20.66 -0.58
N PRO A 94 -7.03 -20.75 0.06
CA PRO A 94 -5.88 -21.39 -0.59
C PRO A 94 -6.26 -22.79 -1.10
N LEU A 95 -5.86 -23.08 -2.35
CA LEU A 95 -6.09 -24.40 -2.93
C LEU A 95 -5.01 -25.36 -2.45
N PRO A 96 -5.24 -26.68 -2.57
CA PRO A 96 -4.24 -27.64 -2.10
C PRO A 96 -3.05 -27.72 -3.06
N GLY A 97 -1.85 -27.53 -2.52
CA GLY A 97 -0.62 -27.57 -3.28
C GLY A 97 -0.15 -26.23 -3.82
N MET A 98 -0.98 -25.19 -3.76
CA MET A 98 -0.63 -23.88 -4.26
C MET A 98 -0.26 -22.96 -3.10
N SER A 99 0.82 -22.19 -3.27
CA SER A 99 1.25 -21.27 -2.24
C SER A 99 0.35 -20.03 -2.23
N GLU A 100 0.18 -19.46 -1.03
CA GLU A 100 -0.60 -18.25 -0.86
C GLU A 100 0.25 -16.99 -0.78
N ASN A 101 1.58 -17.13 -0.63
CA ASN A 101 2.41 -15.97 -0.37
C ASN A 101 3.35 -15.71 -1.55
N PRO A 102 3.54 -14.45 -1.94
CA PRO A 102 4.46 -14.16 -3.05
C PRO A 102 5.89 -14.52 -2.65
N SER A 103 6.55 -15.30 -3.52
CA SER A 103 7.92 -15.73 -3.30
C SER A 103 8.92 -14.67 -3.74
N VAL A 104 8.46 -13.48 -4.10
CA VAL A 104 9.30 -12.44 -4.67
C VAL A 104 9.11 -11.17 -3.85
N TYR A 105 10.03 -10.25 -4.05
CA TYR A 105 9.97 -8.92 -3.49
C TYR A 105 10.13 -7.93 -4.65
N VAL A 106 9.44 -6.81 -4.56
CA VAL A 106 9.49 -5.77 -5.58
C VAL A 106 10.29 -4.61 -5.03
N PRO A 107 11.46 -4.30 -5.60
CA PRO A 107 12.30 -3.23 -5.06
C PRO A 107 11.54 -1.94 -4.81
N GLY A 108 11.63 -1.45 -3.58
CA GLY A 108 11.09 -0.15 -3.22
C GLY A 108 9.61 -0.12 -2.98
N VAL A 109 8.93 -1.26 -3.06
CA VAL A 109 7.52 -1.32 -2.73
C VAL A 109 7.41 -1.59 -1.24
N VAL A 110 6.63 -0.73 -0.57
CA VAL A 110 6.45 -0.77 0.87
C VAL A 110 5.03 -1.24 1.15
N SER A 111 4.91 -2.36 1.85
CA SER A 111 3.60 -2.91 2.24
C SER A 111 2.75 -1.87 2.96
N THR A 112 1.43 -1.97 2.78
CA THR A 112 0.47 -1.18 3.56
C THR A 112 -0.04 -1.89 4.80
N VAL A 113 0.35 -3.13 5.02
CA VAL A 113 -0.09 -3.90 6.18
C VAL A 113 0.88 -3.54 7.31
N VAL A 114 0.40 -2.76 8.26
CA VAL A 114 1.22 -2.31 9.37
C VAL A 114 0.67 -2.93 10.64
N PRO A 115 1.11 -4.13 11.02
CA PRO A 115 0.60 -4.74 12.25
C PRO A 115 1.00 -3.96 13.47
N ASP A 116 0.12 -3.96 14.47
CA ASP A 116 0.50 -3.45 15.77
C ASP A 116 1.73 -4.24 16.23
N SER A 117 2.72 -3.53 16.75
CA SER A 117 4.00 -4.13 17.12
C SER A 117 4.78 -3.12 17.94
N ALA A 118 5.91 -3.58 18.51
CA ALA A 118 6.68 -2.75 19.43
C ALA A 118 7.03 -1.39 18.84
N HIS A 119 7.50 -1.35 17.59
CA HIS A 119 8.04 -0.14 17.00
C HIS A 119 7.17 0.46 15.91
N LYS A 120 5.93 0.00 15.79
CA LYS A 120 4.99 0.68 14.93
C LYS A 120 4.84 2.12 15.40
N LEU A 121 4.92 3.06 14.46
CA LEU A 121 4.83 4.48 14.74
C LEU A 121 3.48 5.03 14.33
N PHE A 122 3.02 5.99 15.12
CA PHE A 122 1.93 6.89 14.79
C PHE A 122 2.52 8.23 14.43
N ILE A 123 2.01 8.85 13.36
CA ILE A 123 2.43 10.17 12.89
C ILE A 123 1.16 10.99 12.71
N GLY A 124 0.89 11.90 13.64
CA GLY A 124 -0.30 12.72 13.56
C GLY A 124 0.00 14.18 13.33
N GLY A 125 -0.99 14.90 12.83
CA GLY A 125 -0.83 16.31 12.56
C GLY A 125 -0.28 16.61 11.19
N LEU A 126 -0.36 15.67 10.26
CA LEU A 126 0.16 15.89 8.92
C LEU A 126 -0.76 16.83 8.14
N PRO A 127 -0.20 17.75 7.36
CA PRO A 127 -1.04 18.58 6.49
C PRO A 127 -1.86 17.71 5.57
N ASN A 128 -3.16 17.99 5.45
CA ASN A 128 -4.04 17.12 4.70
CA ASN A 128 -4.05 17.12 4.69
C ASN A 128 -3.84 17.21 3.18
N TYR A 129 -3.05 18.16 2.69
CA TYR A 129 -2.75 18.20 1.25
C TYR A 129 -1.65 17.23 0.83
N LEU A 130 -0.95 16.61 1.76
CA LEU A 130 0.08 15.65 1.38
C LEU A 130 -0.51 14.31 1.01
N ASN A 131 -0.13 13.79 -0.15
CA ASN A 131 -0.61 12.49 -0.58
C ASN A 131 0.22 11.37 0.05
N ASP A 132 -0.19 10.13 -0.24
CA ASP A 132 0.47 8.96 0.32
C ASP A 132 1.95 8.98 0.00
N ASP A 133 2.29 9.31 -1.25
CA ASP A 133 3.68 9.31 -1.72
C ASP A 133 4.52 10.31 -0.94
N GLN A 134 4.00 11.51 -0.72
CA GLN A 134 4.79 12.54 -0.08
C GLN A 134 4.99 12.23 1.40
N VAL A 135 3.97 11.69 2.07
CA VAL A 135 4.13 11.30 3.47
C VAL A 135 5.11 10.14 3.57
N LYS A 136 5.02 9.19 2.64
CA LYS A 136 5.99 8.09 2.66
C LYS A 136 7.41 8.62 2.47
N GLU A 137 7.60 9.58 1.57
CA GLU A 137 8.92 10.17 1.36
C GLU A 137 9.45 10.85 2.63
N LEU A 138 8.58 11.61 3.30
CA LEU A 138 8.95 12.27 4.53
C LEU A 138 9.54 11.26 5.51
N LEU A 139 8.91 10.10 5.62
CA LEU A 139 9.35 9.08 6.56
C LEU A 139 10.57 8.33 6.06
N THR A 140 10.64 8.08 4.76
CA THR A 140 11.77 7.38 4.16
CA THR A 140 11.79 7.34 4.24
C THR A 140 13.09 8.13 4.32
N SER A 141 13.02 9.45 4.50
CA SER A 141 14.24 10.23 4.73
C SER A 141 15.05 9.65 5.87
N PHE A 142 14.39 9.12 6.90
CA PHE A 142 15.09 8.60 8.06
C PHE A 142 15.63 7.19 7.83
N GLY A 143 14.99 6.41 6.98
CA GLY A 143 15.45 5.10 6.65
C GLY A 143 14.40 4.30 5.91
N PRO A 144 14.77 3.15 5.35
CA PRO A 144 13.81 2.38 4.55
C PRO A 144 12.66 1.87 5.42
N LEU A 145 11.46 1.89 4.83
CA LEU A 145 10.26 1.41 5.49
C LEU A 145 9.96 -0.06 5.16
N LYS A 146 9.49 -0.78 6.17
CA LYS A 146 8.89 -2.10 6.04
C LYS A 146 7.39 -2.03 5.76
N ALA A 147 6.71 -1.02 6.28
CA ALA A 147 5.28 -0.89 6.08
C ALA A 147 4.86 0.55 6.38
N PHE A 148 3.78 0.98 5.74
CA PHE A 148 3.29 2.35 5.85
C PHE A 148 1.84 2.43 5.39
N ASN A 149 1.03 3.19 6.13
CA ASN A 149 -0.29 3.56 5.62
C ASN A 149 -0.69 4.94 6.12
N LEU A 150 -1.13 5.77 5.17
CA LEU A 150 -1.73 7.07 5.47
C LEU A 150 -3.25 6.90 5.52
N VAL A 151 -3.88 7.38 6.59
CA VAL A 151 -5.31 7.17 6.78
C VAL A 151 -6.08 8.23 6.03
N LYS A 152 -7.07 7.78 5.26
CA LYS A 152 -7.91 8.68 4.47
C LYS A 152 -9.36 8.49 4.84
N ASP A 153 -10.15 9.52 4.54
CA ASP A 153 -11.59 9.39 4.60
C ASP A 153 -12.07 8.38 3.56
N SER A 154 -12.86 7.41 4.01
CA SER A 154 -13.29 6.33 3.13
C SER A 154 -14.27 6.80 2.06
N ALA A 155 -14.91 7.93 2.27
CA ALA A 155 -15.91 8.42 1.30
C ALA A 155 -15.34 9.45 0.35
N THR A 156 -14.48 10.35 0.81
CA THR A 156 -13.97 11.43 -0.01
C THR A 156 -12.54 11.19 -0.50
N GLY A 157 -11.84 10.22 0.10
CA GLY A 157 -10.45 9.97 -0.25
C GLY A 157 -9.47 10.98 0.25
N LEU A 158 -9.89 11.94 1.05
CA LEU A 158 -9.01 12.98 1.55
C LEU A 158 -8.28 12.49 2.81
N SER A 159 -7.03 12.90 2.94
CA SER A 159 -6.22 12.47 4.07
C SER A 159 -6.82 12.96 5.40
N LYS A 160 -6.83 12.08 6.39
CA LYS A 160 -7.18 12.47 7.75
C LYS A 160 -6.01 13.05 8.54
N GLY A 161 -4.83 13.17 7.93
CA GLY A 161 -3.71 13.83 8.55
C GLY A 161 -2.98 12.99 9.56
N TYR A 162 -3.11 11.68 9.49
CA TYR A 162 -2.29 10.82 10.34
C TYR A 162 -2.00 9.53 9.60
N ALA A 163 -0.89 8.91 9.99
CA ALA A 163 -0.34 7.76 9.29
C ALA A 163 0.35 6.85 10.31
N PHE A 164 0.63 5.63 9.87
CA PHE A 164 1.31 4.62 10.66
C PHE A 164 2.44 4.04 9.82
N CYS A 165 3.53 3.64 10.48
CA CYS A 165 4.62 3.04 9.71
C CYS A 165 5.49 2.16 10.60
N GLU A 166 6.34 1.39 9.94
CA GLU A 166 7.30 0.51 10.60
C GLU A 166 8.57 0.57 9.75
N TYR A 167 9.68 0.90 10.38
CA TYR A 167 10.97 0.92 9.70
C TYR A 167 11.56 -0.48 9.61
N VAL A 168 12.35 -0.70 8.56
CA VAL A 168 13.11 -1.94 8.44
C VAL A 168 14.00 -2.11 9.66
N ASP A 169 14.73 -1.04 10.01
CA ASP A 169 15.65 -1.06 11.14
C ASP A 169 14.88 -0.53 12.34
N ILE A 170 14.66 -1.38 13.35
CA ILE A 170 13.95 -0.91 14.54
C ILE A 170 14.59 0.33 15.15
N ASN A 171 15.91 0.50 14.99
CA ASN A 171 16.60 1.61 15.61
C ASN A 171 16.36 2.95 14.91
N VAL A 172 15.80 2.93 13.70
CA VAL A 172 15.45 4.18 13.02
C VAL A 172 14.23 4.81 13.68
N THR A 173 13.41 4.00 14.36
CA THR A 173 12.18 4.49 14.98
C THR A 173 12.45 5.73 15.83
N ASP A 174 13.43 5.64 16.74
CA ASP A 174 13.72 6.75 17.63
C ASP A 174 14.37 7.92 16.90
N GLN A 175 15.02 7.65 15.77
CA GLN A 175 15.57 8.74 14.97
C GLN A 175 14.46 9.54 14.31
N ALA A 176 13.45 8.85 13.76
CA ALA A 176 12.30 9.55 13.18
C ALA A 176 11.54 10.34 14.22
N ILE A 177 11.33 9.75 15.40
CA ILE A 177 10.67 10.48 16.48
C ILE A 177 11.44 11.77 16.80
N ALA A 178 12.77 11.65 16.99
CA ALA A 178 13.58 12.83 17.31
C ALA A 178 13.47 13.89 16.24
N GLY A 179 13.45 13.47 14.97
CA GLY A 179 13.46 14.41 13.86
C GLY A 179 12.13 15.05 13.55
N LEU A 180 11.01 14.42 13.94
CA LEU A 180 9.69 14.89 13.55
C LEU A 180 8.77 15.26 14.70
N ASN A 181 8.92 14.67 15.88
CA ASN A 181 7.94 14.92 16.93
C ASN A 181 7.98 16.38 17.32
N GLY A 182 6.80 16.98 17.43
CA GLY A 182 6.67 18.36 17.82
C GLY A 182 6.90 19.38 16.73
N MET A 183 7.18 18.94 15.51
CA MET A 183 7.39 19.89 14.43
C MET A 183 6.11 20.70 14.17
N GLN A 184 6.24 22.01 14.14
CA GLN A 184 5.10 22.91 13.97
C GLN A 184 4.87 23.17 12.48
N LEU A 185 3.63 22.97 12.03
CA LEU A 185 3.28 23.13 10.61
C LEU A 185 1.98 23.92 10.57
N GLY A 186 2.10 25.24 10.48
CA GLY A 186 0.92 26.08 10.52
C GLY A 186 0.26 25.97 11.88
N ASP A 187 -1.02 25.62 11.88
CA ASP A 187 -1.76 25.37 13.11
C ASP A 187 -1.60 23.94 13.61
N LYS A 188 -0.82 23.11 12.91
CA LYS A 188 -0.64 21.72 13.27
C LYS A 188 0.74 21.52 13.89
N LYS A 189 0.82 20.56 14.79
CA LYS A 189 2.09 20.18 15.38
C LYS A 189 2.16 18.66 15.34
N LEU A 190 3.21 18.12 14.72
CA LEU A 190 3.32 16.68 14.56
C LEU A 190 3.43 16.01 15.92
N LEU A 191 2.68 14.93 16.09
CA LEU A 191 2.88 14.00 17.18
C LEU A 191 3.42 12.72 16.57
N VAL A 192 4.63 12.35 16.95
CA VAL A 192 5.29 11.18 16.40
C VAL A 192 5.75 10.36 17.60
N GLN A 193 5.21 9.16 17.74
CA GLN A 193 5.43 8.30 18.91
C GLN A 193 5.02 6.90 18.51
N ARG A 194 5.54 5.90 19.21
CA ARG A 194 5.05 4.54 19.00
C ARG A 194 3.53 4.52 19.15
N ALA A 195 2.88 3.83 18.22
CA ALA A 195 1.43 3.83 18.17
C ALA A 195 0.82 3.25 19.43
N SER A 196 1.53 2.36 20.13
CA SER A 196 1.01 1.78 21.37
C SER A 196 0.75 2.85 22.42
N VAL A 197 1.47 3.96 22.36
CA VAL A 197 1.38 4.97 23.43
C VAL A 197 -0.02 5.57 23.48
N GLY A 198 -0.58 5.90 22.32
CA GLY A 198 -1.87 6.58 22.25
C GLY A 198 -3.01 5.80 21.63
N ALA A 199 -2.84 4.51 21.37
CA ALA A 199 -3.92 3.75 20.75
C ALA A 199 -5.09 3.67 21.71
N LYS A 200 -6.29 3.67 21.14
CA LYS A 200 -7.47 3.63 21.96
C LYS A 200 -7.95 2.19 22.10
#